data_1S5P
#
_entry.id   1S5P
#
_cell.length_a   93.911
_cell.length_b   93.911
_cell.length_c   61.488
_cell.angle_alpha   90.00
_cell.angle_beta   90.00
_cell.angle_gamma   90.00
#
_symmetry.space_group_name_H-M   'P 41 21 2'
#
loop_
_entity.id
_entity.type
_entity.pdbx_description
1 polymer 'NAD-dependent deacetylase'
2 polymer 'HISTONE H4 (RESIDUES 12-19)'
3 non-polymer 'ZINC ION'
4 water water
#
loop_
_entity_poly.entity_id
_entity_poly.type
_entity_poly.pdbx_seq_one_letter_code
_entity_poly.pdbx_strand_id
1 'polypeptide(L)'
;KPRVLVLTGAGISAESGIRTFRAADGLWEEHRVEDVATPEGFDRDPELVQAFYNARRRQLQQPEIQPNAAHLALAKLQDA
LGDRFLLVTQNIDNLHERAGNTNVIHMHGELLKVRCSQSGQVLDWTGDVTPEDKCHCCQFPAPLRPHVVWFGEMPLGMDE
IYMALSMADIFIAIGTSGHVYPAAGFVHEAKLHGAHTVELNLEPSQVGNEFAEKYYGPASQVVPEFVEKLLKGLK
;
A
2 'polypeptide(L)' KGGA(ALY)RHR B
#
loop_
_chem_comp.id
_chem_comp.type
_chem_comp.name
_chem_comp.formula
ZN non-polymer 'ZINC ION' 'Zn 2'
#
# COMPACT_ATOMS: atom_id res chain seq x y z
N LYS A 1 -9.93 17.57 -17.15
CA LYS A 1 -10.17 16.84 -15.88
C LYS A 1 -10.04 15.32 -16.05
N PRO A 2 -8.80 14.79 -16.03
CA PRO A 2 -8.55 13.37 -16.20
C PRO A 2 -8.87 12.52 -14.97
N ARG A 3 -9.18 11.25 -15.21
CA ARG A 3 -9.43 10.32 -14.12
C ARG A 3 -8.04 9.81 -13.75
N VAL A 4 -7.69 9.90 -12.47
CA VAL A 4 -6.37 9.47 -12.05
C VAL A 4 -6.40 8.38 -11.00
N LEU A 5 -5.63 7.33 -11.23
CA LEU A 5 -5.54 6.22 -10.29
C LEU A 5 -4.09 6.11 -9.85
N VAL A 6 -3.85 6.22 -8.55
CA VAL A 6 -2.50 6.14 -8.01
C VAL A 6 -2.33 4.86 -7.20
N LEU A 7 -1.22 4.15 -7.42
CA LEU A 7 -0.93 2.93 -6.67
C LEU A 7 0.38 3.18 -5.92
N THR A 8 0.34 3.10 -4.60
CA THR A 8 1.57 3.30 -3.84
C THR A 8 2.09 2.01 -3.21
N GLY A 9 3.40 1.91 -3.13
CA GLY A 9 4.07 0.76 -2.53
C GLY A 9 4.83 1.20 -1.29
N ALA A 10 5.44 0.25 -0.60
CA ALA A 10 6.18 0.53 0.63
C ALA A 10 7.22 1.65 0.55
N GLY A 11 7.81 1.82 -0.62
CA GLY A 11 8.85 2.83 -0.80
C GLY A 11 8.52 4.26 -0.38
N ILE A 12 7.27 4.66 -0.58
CA ILE A 12 6.86 6.02 -0.25
C ILE A 12 6.88 6.33 1.25
N SER A 13 6.78 5.30 2.08
CA SER A 13 6.80 5.54 3.52
C SER A 13 8.19 5.37 4.15
N ALA A 14 9.15 4.97 3.32
CA ALA A 14 10.52 4.76 3.77
C ALA A 14 11.12 6.00 4.45
N GLU A 15 10.99 7.16 3.79
CA GLU A 15 11.53 8.39 4.35
C GLU A 15 10.79 8.81 5.62
N SER A 16 9.62 8.22 5.86
CA SER A 16 8.86 8.57 7.05
C SER A 16 9.31 7.76 8.25
N GLY A 17 10.24 6.83 8.01
CA GLY A 17 10.75 6.00 9.09
C GLY A 17 10.20 4.59 9.14
N ILE A 18 9.33 4.23 8.20
CA ILE A 18 8.77 2.89 8.19
C ILE A 18 9.62 2.03 7.27
N ARG A 19 10.56 1.29 7.86
CA ARG A 19 11.46 0.43 7.10
C ARG A 19 10.77 -0.43 6.06
N THR A 20 11.18 -0.26 4.81
CA THR A 20 10.63 -0.99 3.68
C THR A 20 10.60 -2.51 3.87
N PHE A 21 9.42 -3.09 3.74
CA PHE A 21 9.26 -4.54 3.90
C PHE A 21 9.89 -5.30 2.73
N ARG A 22 11.22 -5.33 2.69
CA ARG A 22 11.95 -6.01 1.62
C ARG A 22 11.35 -7.39 1.33
N ALA A 23 11.70 -7.94 0.18
CA ALA A 23 11.22 -9.26 -0.23
C ALA A 23 12.30 -9.93 -1.05
N ALA A 24 13.08 -9.11 -1.76
CA ALA A 24 14.18 -9.62 -2.57
C ALA A 24 15.21 -10.14 -1.58
N ASP A 25 15.14 -9.63 -0.36
CA ASP A 25 16.04 -10.02 0.72
C ASP A 25 15.37 -11.13 1.52
N GLY A 26 14.04 -11.19 1.44
CA GLY A 26 13.29 -12.20 2.17
C GLY A 26 13.20 -11.90 3.65
N LEU A 27 13.75 -10.76 4.06
CA LEU A 27 13.73 -10.36 5.47
C LEU A 27 13.00 -9.06 5.75
N TRP A 28 11.98 -9.15 6.60
CA TRP A 28 11.17 -8.01 7.01
C TRP A 28 11.39 -7.85 8.51
N GLU A 29 12.19 -6.86 8.90
CA GLU A 29 12.50 -6.64 10.31
C GLU A 29 13.17 -7.89 10.85
N GLU A 30 14.24 -8.32 10.17
CA GLU A 30 15.01 -9.50 10.55
C GLU A 30 14.20 -10.79 10.61
N HIS A 31 12.99 -10.77 10.06
CA HIS A 31 12.13 -11.95 10.05
C HIS A 31 11.87 -12.46 8.63
N ARG A 32 11.72 -13.77 8.48
CA ARG A 32 11.43 -14.38 7.18
C ARG A 32 9.99 -14.05 6.83
N VAL A 33 9.77 -13.57 5.62
CA VAL A 33 8.41 -13.22 5.22
C VAL A 33 7.49 -14.42 5.32
N GLU A 34 8.03 -15.60 4.99
CA GLU A 34 7.23 -16.81 5.07
C GLU A 34 6.86 -17.13 6.50
N ASP A 35 7.60 -16.57 7.45
CA ASP A 35 7.36 -16.80 8.87
C ASP A 35 6.42 -15.79 9.52
N VAL A 36 6.39 -14.57 9.00
CA VAL A 36 5.52 -13.54 9.58
C VAL A 36 4.47 -12.96 8.63
N ALA A 37 4.45 -13.43 7.37
CA ALA A 37 3.48 -12.92 6.41
C ALA A 37 2.83 -13.99 5.52
N THR A 38 2.56 -15.16 6.09
CA THR A 38 1.89 -16.24 5.38
C THR A 38 0.95 -16.88 6.37
N PRO A 39 -0.17 -17.43 5.90
CA PRO A 39 -1.06 -18.06 6.88
C PRO A 39 -0.35 -19.21 7.63
N GLU A 40 0.65 -19.82 7.00
CA GLU A 40 1.39 -20.93 7.62
C GLU A 40 2.22 -20.46 8.80
N GLY A 41 2.99 -19.39 8.57
CA GLY A 41 3.83 -18.84 9.61
C GLY A 41 3.01 -18.54 10.85
N PHE A 42 1.80 -18.04 10.64
CA PHE A 42 0.90 -17.69 11.71
C PHE A 42 0.45 -18.91 12.50
N ASP A 43 -0.20 -19.84 11.83
CA ASP A 43 -0.69 -21.05 12.47
C ASP A 43 0.43 -21.81 13.18
N ARG A 44 1.63 -21.74 12.59
CA ARG A 44 2.81 -22.39 13.15
C ARG A 44 3.21 -21.80 14.52
N ASP A 45 3.27 -20.47 14.60
CA ASP A 45 3.64 -19.78 15.83
C ASP A 45 2.90 -18.46 15.91
N PRO A 46 1.60 -18.51 16.24
CA PRO A 46 0.78 -17.31 16.33
C PRO A 46 1.30 -16.28 17.32
N GLU A 47 1.76 -16.74 18.48
CA GLU A 47 2.27 -15.81 19.47
C GLU A 47 3.37 -14.93 18.91
N LEU A 48 4.34 -15.54 18.21
CA LEU A 48 5.43 -14.77 17.64
C LEU A 48 4.93 -13.78 16.59
N VAL A 49 4.11 -14.27 15.66
CA VAL A 49 3.58 -13.41 14.61
C VAL A 49 2.78 -12.27 15.24
N GLN A 50 1.95 -12.57 16.22
CA GLN A 50 1.16 -11.55 16.89
C GLN A 50 2.12 -10.51 17.46
N ALA A 51 3.19 -10.99 18.08
CA ALA A 51 4.20 -10.12 18.66
C ALA A 51 4.84 -9.27 17.56
N PHE A 52 5.10 -9.89 16.41
CA PHE A 52 5.72 -9.19 15.30
C PHE A 52 4.90 -7.99 14.85
N TYR A 53 3.60 -8.19 14.66
CA TYR A 53 2.77 -7.09 14.23
C TYR A 53 2.49 -6.10 15.37
N ASN A 54 2.47 -6.60 16.60
CA ASN A 54 2.24 -5.72 17.74
C ASN A 54 3.36 -4.69 17.69
N ALA A 55 4.56 -5.15 17.38
CA ALA A 55 5.71 -4.26 17.29
C ALA A 55 5.61 -3.31 16.08
N ARG A 56 5.05 -3.80 14.98
CA ARG A 56 4.89 -2.98 13.78
C ARG A 56 3.86 -1.87 14.04
N ARG A 57 2.77 -2.24 14.70
CA ARG A 57 1.68 -1.32 15.02
C ARG A 57 2.16 -0.26 16.01
N ARG A 58 2.96 -0.72 16.96
CA ARG A 58 3.53 0.15 17.99
C ARG A 58 4.40 1.22 17.34
N GLN A 59 5.38 0.78 16.55
CA GLN A 59 6.28 1.67 15.85
C GLN A 59 5.57 2.64 14.91
N LEU A 60 4.46 2.18 14.34
CA LEU A 60 3.70 3.01 13.42
C LEU A 60 3.15 4.26 14.09
N GLN A 61 2.92 4.18 15.39
CA GLN A 61 2.34 5.28 16.13
C GLN A 61 3.30 6.09 17.01
N GLN A 62 4.58 6.05 16.67
CA GLN A 62 5.55 6.80 17.45
C GLN A 62 5.73 8.20 16.86
N PRO A 63 6.12 9.17 17.71
CA PRO A 63 6.34 10.57 17.35
C PRO A 63 7.14 10.83 16.08
N GLU A 64 8.26 10.15 15.94
CA GLU A 64 9.12 10.32 14.77
C GLU A 64 8.54 9.78 13.47
N ILE A 65 7.33 9.24 13.52
CA ILE A 65 6.71 8.73 12.29
C ILE A 65 5.59 9.63 11.83
N GLN A 66 5.79 10.27 10.70
CA GLN A 66 4.76 11.14 10.15
C GLN A 66 4.81 11.19 8.62
N PRO A 67 3.68 11.51 8.00
CA PRO A 67 3.69 11.58 6.54
C PRO A 67 4.74 12.54 6.00
N ASN A 68 5.33 12.19 4.88
CA ASN A 68 6.35 13.04 4.25
C ASN A 68 5.73 13.81 3.09
N ALA A 69 6.59 14.54 2.37
CA ALA A 69 6.18 15.36 1.24
C ALA A 69 5.41 14.61 0.16
N ALA A 70 5.75 13.34 -0.05
CA ALA A 70 5.06 12.56 -1.07
C ALA A 70 3.61 12.29 -0.64
N HIS A 71 3.41 11.91 0.61
CA HIS A 71 2.08 11.64 1.11
C HIS A 71 1.22 12.89 0.96
N LEU A 72 1.76 14.02 1.43
CA LEU A 72 1.03 15.27 1.40
C LEU A 72 0.62 15.68 -0.02
N ALA A 73 1.54 15.56 -0.97
CA ALA A 73 1.21 15.92 -2.35
C ALA A 73 0.05 15.10 -2.90
N LEU A 74 -0.05 13.85 -2.43
CA LEU A 74 -1.11 12.99 -2.90
C LEU A 74 -2.45 13.45 -2.32
N ALA A 75 -2.42 14.05 -1.14
CA ALA A 75 -3.63 14.55 -0.51
C ALA A 75 -4.04 15.78 -1.31
N LYS A 76 -3.05 16.57 -1.73
CA LYS A 76 -3.32 17.76 -2.52
C LYS A 76 -3.91 17.35 -3.87
N LEU A 77 -3.43 16.23 -4.41
CA LEU A 77 -3.92 15.75 -5.70
C LEU A 77 -5.39 15.37 -5.57
N GLN A 78 -5.76 14.68 -4.49
CA GLN A 78 -7.15 14.29 -4.28
C GLN A 78 -8.01 15.54 -4.10
N ASP A 79 -7.54 16.49 -3.30
CA ASP A 79 -8.28 17.73 -3.06
C ASP A 79 -8.70 18.32 -4.40
N ALA A 80 -7.75 18.34 -5.34
CA ALA A 80 -7.96 18.90 -6.66
C ALA A 80 -8.89 18.14 -7.59
N LEU A 81 -8.71 16.82 -7.66
CA LEU A 81 -9.50 15.98 -8.55
C LEU A 81 -10.79 15.41 -7.98
N GLY A 82 -10.96 15.49 -6.68
CA GLY A 82 -12.16 14.97 -6.07
C GLY A 82 -12.50 13.55 -6.51
N ASP A 83 -13.72 13.38 -7.04
CA ASP A 83 -14.21 12.07 -7.47
C ASP A 83 -13.52 11.44 -8.68
N ARG A 84 -12.62 12.17 -9.34
CA ARG A 84 -11.93 11.62 -10.50
C ARG A 84 -10.60 11.00 -10.06
N PHE A 85 -10.39 10.96 -8.75
CA PHE A 85 -9.15 10.43 -8.18
C PHE A 85 -9.39 9.20 -7.31
N LEU A 86 -8.48 8.25 -7.37
CA LEU A 86 -8.57 7.06 -6.53
C LEU A 86 -7.15 6.65 -6.12
N LEU A 87 -6.95 6.46 -4.83
CA LEU A 87 -5.65 6.08 -4.31
C LEU A 87 -5.74 4.65 -3.81
N VAL A 88 -4.89 3.79 -4.37
CA VAL A 88 -4.81 2.40 -3.97
C VAL A 88 -3.41 2.22 -3.40
N THR A 89 -3.31 1.60 -2.22
CA THR A 89 -2.01 1.40 -1.63
C THR A 89 -1.81 -0.04 -1.22
N GLN A 90 -0.57 -0.51 -1.34
CA GLN A 90 -0.21 -1.87 -0.94
C GLN A 90 0.26 -1.75 0.51
N ASN A 91 0.33 -0.52 1.02
CA ASN A 91 0.82 -0.27 2.38
C ASN A 91 -0.18 -0.49 3.48
N ILE A 92 0.30 -0.96 4.62
CA ILE A 92 -0.58 -1.20 5.76
C ILE A 92 -0.49 -0.08 6.79
N ASP A 93 0.29 0.96 6.48
CA ASP A 93 0.42 2.09 7.40
C ASP A 93 -0.74 3.05 7.18
N ASN A 94 -0.86 4.08 8.03
CA ASN A 94 -1.96 5.03 7.87
C ASN A 94 -1.42 6.41 7.52
N LEU A 95 -0.29 6.45 6.84
CA LEU A 95 0.31 7.73 6.49
C LEU A 95 -0.49 8.48 5.43
N HIS A 96 -1.14 7.76 4.53
CA HIS A 96 -1.93 8.44 3.50
C HIS A 96 -3.13 9.10 4.20
N GLU A 97 -3.72 8.41 5.16
CA GLU A 97 -4.85 8.95 5.90
C GLU A 97 -4.44 10.17 6.74
N ARG A 98 -3.26 10.12 7.36
CA ARG A 98 -2.80 11.24 8.18
C ARG A 98 -2.48 12.45 7.31
N ALA A 99 -2.04 12.20 6.08
CA ALA A 99 -1.69 13.28 5.15
C ALA A 99 -2.93 14.03 4.66
N GLY A 100 -4.09 13.40 4.74
CA GLY A 100 -5.30 14.05 4.29
C GLY A 100 -6.12 13.27 3.28
N ASN A 101 -5.62 12.14 2.79
CA ASN A 101 -6.38 11.34 1.82
C ASN A 101 -7.53 10.59 2.49
N THR A 102 -8.59 10.38 1.72
CA THR A 102 -9.77 9.68 2.20
C THR A 102 -10.17 8.67 1.13
N ASN A 103 -10.87 7.61 1.55
CA ASN A 103 -11.31 6.56 0.64
C ASN A 103 -10.12 5.84 0.04
N VAL A 104 -9.07 5.68 0.83
CA VAL A 104 -7.86 5.00 0.38
C VAL A 104 -8.16 3.51 0.38
N ILE A 105 -7.89 2.83 -0.73
CA ILE A 105 -8.13 1.40 -0.78
C ILE A 105 -6.87 0.66 -0.36
N HIS A 106 -6.93 0.02 0.79
CA HIS A 106 -5.81 -0.75 1.32
C HIS A 106 -5.92 -2.19 0.82
N MET A 107 -5.37 -2.47 -0.36
CA MET A 107 -5.48 -3.80 -0.92
C MET A 107 -4.82 -4.89 -0.12
N HIS A 108 -3.88 -4.53 0.75
CA HIS A 108 -3.19 -5.52 1.59
C HIS A 108 -3.56 -5.35 3.06
N GLY A 109 -4.66 -4.66 3.33
CA GLY A 109 -5.09 -4.50 4.70
C GLY A 109 -4.52 -3.29 5.41
N GLU A 110 -4.77 -3.21 6.72
CA GLU A 110 -4.32 -2.10 7.55
C GLU A 110 -3.76 -2.56 8.89
N LEU A 111 -2.61 -2.02 9.25
CA LEU A 111 -1.93 -2.37 10.49
C LEU A 111 -2.74 -1.97 11.72
N LEU A 112 -3.56 -0.93 11.59
CA LEU A 112 -4.36 -0.44 12.71
C LEU A 112 -5.77 -1.05 12.74
N LYS A 113 -5.89 -2.27 12.23
CA LYS A 113 -7.17 -2.98 12.23
C LYS A 113 -6.90 -4.47 12.45
N VAL A 114 -7.92 -5.17 12.89
CA VAL A 114 -7.81 -6.61 13.13
C VAL A 114 -9.12 -7.28 12.75
N ARG A 115 -9.10 -8.61 12.75
CA ARG A 115 -10.27 -9.41 12.40
C ARG A 115 -10.24 -10.72 13.17
N CYS A 116 -11.40 -11.31 13.42
CA CYS A 116 -11.47 -12.56 14.16
C CYS A 116 -11.30 -13.78 13.25
N SER A 117 -10.46 -14.71 13.68
CA SER A 117 -10.17 -15.92 12.93
C SER A 117 -11.41 -16.73 12.58
N GLN A 118 -12.57 -16.30 13.06
CA GLN A 118 -13.80 -17.03 12.80
C GLN A 118 -14.85 -16.28 11.97
N SER A 119 -15.15 -15.04 12.37
CA SER A 119 -16.14 -14.25 11.64
C SER A 119 -15.50 -13.45 10.51
N GLY A 120 -14.27 -13.01 10.74
CA GLY A 120 -13.58 -12.22 9.75
C GLY A 120 -13.92 -10.76 9.91
N GLN A 121 -14.98 -10.47 10.65
CA GLN A 121 -15.40 -9.10 10.88
C GLN A 121 -14.19 -8.24 11.22
N VAL A 122 -14.28 -6.96 10.89
CA VAL A 122 -13.18 -6.05 11.14
C VAL A 122 -13.51 -4.95 12.13
N LEU A 123 -12.53 -4.64 12.98
CA LEU A 123 -12.70 -3.59 13.97
C LEU A 123 -11.37 -2.87 14.14
N ASP A 124 -11.44 -1.57 14.37
CA ASP A 124 -10.25 -0.76 14.56
C ASP A 124 -9.47 -1.31 15.75
N TRP A 125 -8.17 -1.02 15.81
CA TRP A 125 -7.34 -1.53 16.89
C TRP A 125 -5.98 -0.86 16.81
N THR A 126 -5.58 -0.15 17.86
CA THR A 126 -4.31 0.55 17.86
C THR A 126 -3.26 -0.03 18.80
N GLY A 127 -3.71 -0.71 19.85
CA GLY A 127 -2.76 -1.27 20.80
C GLY A 127 -2.31 -2.67 20.44
N ASP A 128 -1.65 -3.33 21.39
CA ASP A 128 -1.16 -4.68 21.18
C ASP A 128 -2.33 -5.66 21.22
N VAL A 129 -2.15 -6.80 20.57
CA VAL A 129 -3.16 -7.84 20.57
C VAL A 129 -2.59 -8.92 21.48
N THR A 130 -3.23 -9.12 22.63
CA THR A 130 -2.77 -10.10 23.59
C THR A 130 -3.54 -11.41 23.50
N PRO A 131 -2.98 -12.49 24.03
CA PRO A 131 -3.63 -13.81 24.00
C PRO A 131 -5.03 -13.82 24.61
N GLU A 132 -5.47 -12.68 25.12
CA GLU A 132 -6.79 -12.59 25.75
C GLU A 132 -7.77 -11.65 25.03
N ASP A 133 -7.99 -11.87 23.73
CA ASP A 133 -8.93 -11.04 22.98
C ASP A 133 -9.70 -11.90 21.97
N LYS A 134 -11.00 -11.63 21.83
CA LYS A 134 -11.84 -12.40 20.92
C LYS A 134 -12.88 -11.56 20.17
N CYS A 135 -13.70 -12.21 19.35
CA CYS A 135 -14.73 -11.54 18.56
C CYS A 135 -15.60 -10.64 19.43
N PRO A 143 -11.02 -15.48 18.59
CA PRO A 143 -9.61 -15.19 18.31
C PRO A 143 -9.46 -13.98 17.38
N LEU A 144 -8.32 -13.31 17.44
CA LEU A 144 -8.09 -12.14 16.59
C LEU A 144 -6.71 -12.13 15.93
N ARG A 145 -6.69 -11.75 14.66
CA ARG A 145 -5.44 -11.68 13.90
C ARG A 145 -5.38 -10.36 13.14
N PRO A 146 -4.17 -9.90 12.80
CA PRO A 146 -3.99 -8.65 12.06
C PRO A 146 -4.80 -8.64 10.77
N HIS A 147 -5.41 -7.50 10.45
CA HIS A 147 -6.19 -7.37 9.23
C HIS A 147 -5.22 -6.98 8.12
N VAL A 148 -4.21 -7.83 7.94
CA VAL A 148 -3.17 -7.63 6.93
C VAL A 148 -3.19 -8.82 5.96
N VAL A 149 -3.24 -8.54 4.67
CA VAL A 149 -3.25 -9.61 3.67
C VAL A 149 -1.89 -10.26 3.59
N TRP A 150 -1.83 -11.55 3.91
CA TRP A 150 -0.55 -12.24 3.84
C TRP A 150 -0.40 -12.88 2.47
N PHE A 151 0.83 -13.27 2.15
CA PHE A 151 1.09 -13.91 0.87
C PHE A 151 0.34 -15.22 0.84
N GLY A 152 -0.44 -15.42 -0.22
CA GLY A 152 -1.22 -16.64 -0.33
C GLY A 152 -2.67 -16.33 -0.06
N GLU A 153 -2.95 -15.11 0.39
CA GLU A 153 -4.33 -14.72 0.67
C GLU A 153 -4.77 -13.73 -0.39
N MET A 154 -6.07 -13.52 -0.51
CA MET A 154 -6.64 -12.62 -1.52
C MET A 154 -6.68 -11.12 -1.14
N PRO A 155 -6.15 -10.25 -2.02
CA PRO A 155 -6.13 -8.81 -1.76
C PRO A 155 -7.55 -8.24 -1.60
N LEU A 156 -7.65 -7.08 -0.97
CA LEU A 156 -8.94 -6.45 -0.74
C LEU A 156 -9.24 -5.39 -1.80
N GLY A 157 -10.53 -5.17 -2.04
CA GLY A 157 -10.97 -4.17 -3.00
C GLY A 157 -10.63 -4.39 -4.46
N MET A 158 -10.27 -5.61 -4.84
CA MET A 158 -9.90 -5.87 -6.23
C MET A 158 -10.97 -5.48 -7.25
N ASP A 159 -12.24 -5.65 -6.91
CA ASP A 159 -13.30 -5.28 -7.85
C ASP A 159 -13.28 -3.80 -8.17
N GLU A 160 -13.22 -2.98 -7.13
CA GLU A 160 -13.18 -1.54 -7.34
C GLU A 160 -11.88 -1.11 -8.02
N ILE A 161 -10.77 -1.76 -7.64
CA ILE A 161 -9.48 -1.42 -8.24
C ILE A 161 -9.53 -1.70 -9.74
N TYR A 162 -9.90 -2.91 -10.13
CA TYR A 162 -9.95 -3.22 -11.56
C TYR A 162 -10.89 -2.31 -12.34
N MET A 163 -11.96 -1.83 -11.69
CA MET A 163 -12.88 -0.94 -12.37
C MET A 163 -12.20 0.42 -12.62
N ALA A 164 -11.49 0.92 -11.61
CA ALA A 164 -10.80 2.20 -11.74
C ALA A 164 -9.68 2.11 -12.77
N LEU A 165 -9.06 0.94 -12.89
CA LEU A 165 -7.98 0.74 -13.87
C LEU A 165 -8.48 0.81 -15.31
N SER A 166 -9.69 0.30 -15.54
CA SER A 166 -10.26 0.32 -16.88
C SER A 166 -10.72 1.72 -17.22
N MET A 167 -10.99 2.53 -16.19
CA MET A 167 -11.47 3.91 -16.36
C MET A 167 -10.39 5.00 -16.34
N ALA A 168 -9.24 4.69 -15.76
CA ALA A 168 -8.18 5.68 -15.63
C ALA A 168 -7.61 6.27 -16.93
N ASP A 169 -7.41 7.58 -16.91
CA ASP A 169 -6.79 8.28 -18.02
C ASP A 169 -5.28 8.24 -17.73
N ILE A 170 -4.95 8.38 -16.44
CA ILE A 170 -3.57 8.35 -15.97
C ILE A 170 -3.42 7.41 -14.78
N PHE A 171 -2.48 6.48 -14.89
CA PHE A 171 -2.19 5.52 -13.84
C PHE A 171 -0.77 5.82 -13.37
N ILE A 172 -0.64 6.11 -12.09
CA ILE A 172 0.65 6.43 -11.50
C ILE A 172 1.02 5.40 -10.43
N ALA A 173 2.14 4.71 -10.66
CA ALA A 173 2.61 3.73 -9.70
C ALA A 173 3.80 4.35 -8.97
N ILE A 174 3.66 4.50 -7.65
CA ILE A 174 4.69 5.13 -6.84
C ILE A 174 5.43 4.18 -5.91
N GLY A 175 6.75 4.13 -6.07
CA GLY A 175 7.59 3.31 -5.23
C GLY A 175 7.02 1.94 -4.95
N THR A 176 6.69 1.23 -6.02
CA THR A 176 6.17 -0.12 -5.89
C THR A 176 7.21 -1.00 -6.56
N SER A 177 7.53 -2.13 -5.93
CA SER A 177 8.51 -3.04 -6.50
C SER A 177 7.74 -3.92 -7.47
N GLY A 178 8.23 -4.02 -8.69
CA GLY A 178 7.54 -4.86 -9.66
C GLY A 178 7.65 -6.32 -9.27
N HIS A 179 7.54 -6.60 -7.97
CA HIS A 179 7.65 -7.96 -7.48
C HIS A 179 6.40 -8.54 -6.82
N VAL A 180 5.54 -7.70 -6.25
CA VAL A 180 4.35 -8.26 -5.60
C VAL A 180 3.09 -8.16 -6.47
N TYR A 181 2.57 -9.32 -6.86
CA TYR A 181 1.36 -9.39 -7.66
C TYR A 181 0.18 -9.65 -6.74
N PRO A 182 -1.03 -9.33 -7.18
CA PRO A 182 -1.41 -8.75 -8.48
C PRO A 182 -1.07 -7.27 -8.68
N ALA A 183 -0.77 -6.56 -7.59
CA ALA A 183 -0.46 -5.13 -7.71
C ALA A 183 0.50 -4.81 -8.86
N ALA A 184 1.59 -5.58 -8.95
CA ALA A 184 2.60 -5.35 -9.99
C ALA A 184 2.04 -5.50 -11.40
N GLY A 185 0.87 -6.12 -11.52
CA GLY A 185 0.28 -6.30 -12.84
C GLY A 185 -0.68 -5.20 -13.24
N PHE A 186 -0.98 -4.31 -12.30
CA PHE A 186 -1.91 -3.22 -12.58
C PHE A 186 -1.48 -2.34 -13.76
N VAL A 187 -0.20 -2.02 -13.84
CA VAL A 187 0.27 -1.16 -14.93
C VAL A 187 -0.16 -1.72 -16.28
N HIS A 188 -0.01 -3.04 -16.43
CA HIS A 188 -0.39 -3.70 -17.68
C HIS A 188 -1.88 -3.52 -17.97
N GLU A 189 -2.72 -3.71 -16.95
CA GLU A 189 -4.16 -3.55 -17.11
C GLU A 189 -4.49 -2.15 -17.57
N ALA A 190 -3.92 -1.15 -16.86
CA ALA A 190 -4.15 0.24 -17.19
C ALA A 190 -3.75 0.51 -18.63
N LYS A 191 -2.56 0.06 -18.99
CA LYS A 191 -2.04 0.26 -20.33
C LYS A 191 -2.96 -0.40 -21.36
N LEU A 192 -3.56 -1.52 -20.97
CA LEU A 192 -4.45 -2.25 -21.86
C LEU A 192 -5.72 -1.46 -22.16
N HIS A 193 -6.13 -0.61 -21.22
CA HIS A 193 -7.32 0.21 -21.42
C HIS A 193 -7.01 1.64 -21.86
N GLY A 194 -5.82 1.83 -22.40
CA GLY A 194 -5.43 3.14 -22.91
C GLY A 194 -4.95 4.23 -21.96
N ALA A 195 -4.68 3.90 -20.71
CA ALA A 195 -4.22 4.93 -19.78
C ALA A 195 -2.78 5.32 -20.04
N HIS A 196 -2.43 6.55 -19.66
CA HIS A 196 -1.07 7.04 -19.77
C HIS A 196 -0.45 6.56 -18.45
N THR A 197 0.62 5.77 -18.53
CA THR A 197 1.24 5.20 -17.34
C THR A 197 2.50 5.93 -16.87
N VAL A 198 2.58 6.17 -15.56
CA VAL A 198 3.69 6.89 -14.95
C VAL A 198 4.28 6.11 -13.80
N GLU A 199 5.60 6.10 -13.71
CA GLU A 199 6.28 5.42 -12.63
C GLU A 199 7.16 6.41 -11.88
N LEU A 200 6.95 6.52 -10.57
CA LEU A 200 7.74 7.40 -9.73
C LEU A 200 8.41 6.46 -8.73
N ASN A 201 9.70 6.25 -8.88
CA ASN A 201 10.39 5.29 -8.01
C ASN A 201 11.77 5.73 -7.53
N LEU A 202 12.25 5.09 -6.47
CA LEU A 202 13.58 5.40 -5.97
C LEU A 202 14.53 4.78 -7.00
N GLU A 203 14.18 3.58 -7.45
CA GLU A 203 14.96 2.86 -8.44
C GLU A 203 14.07 2.28 -9.54
N PRO A 204 14.64 2.03 -10.73
CA PRO A 204 14.03 1.49 -11.95
C PRO A 204 13.09 0.28 -11.89
N SER A 205 13.69 -0.91 -11.82
CA SER A 205 12.96 -2.18 -11.80
C SER A 205 11.47 -2.17 -11.46
N GLN A 206 10.66 -1.94 -12.48
CA GLN A 206 9.19 -1.93 -12.35
C GLN A 206 8.56 -2.28 -13.70
N GLU A 210 6.64 -1.14 -18.86
CA GLU A 210 5.42 -0.74 -19.54
C GLU A 210 5.00 0.68 -19.18
N PHE A 211 5.90 1.42 -18.53
CA PHE A 211 5.60 2.78 -18.15
C PHE A 211 6.05 3.76 -19.22
N ALA A 212 5.12 4.63 -19.63
CA ALA A 212 5.38 5.62 -20.67
C ALA A 212 6.19 6.82 -20.16
N GLU A 213 6.01 7.16 -18.89
CA GLU A 213 6.70 8.28 -18.29
C GLU A 213 7.27 7.79 -16.95
N LYS A 214 8.52 8.14 -16.65
CA LYS A 214 9.13 7.69 -15.41
C LYS A 214 10.17 8.64 -14.82
N TYR A 215 10.22 8.71 -13.49
CA TYR A 215 11.17 9.55 -12.80
C TYR A 215 11.73 8.79 -11.60
N TYR A 216 13.01 8.97 -11.32
CA TYR A 216 13.61 8.28 -10.19
C TYR A 216 14.29 9.22 -9.21
N GLY A 217 14.24 8.85 -7.93
CA GLY A 217 14.82 9.66 -6.88
C GLY A 217 13.96 9.55 -5.63
N PRO A 218 14.36 10.15 -4.50
CA PRO A 218 13.56 10.05 -3.28
C PRO A 218 12.09 10.45 -3.49
N ALA A 219 11.19 9.67 -2.90
CA ALA A 219 9.76 9.92 -3.03
C ALA A 219 9.37 11.36 -2.71
N SER A 220 9.82 11.83 -1.55
CA SER A 220 9.53 13.18 -1.06
C SER A 220 9.99 14.26 -2.01
N GLN A 221 10.71 13.88 -3.06
CA GLN A 221 11.17 14.86 -4.04
C GLN A 221 10.44 14.67 -5.36
N VAL A 222 10.47 13.45 -5.87
CA VAL A 222 9.83 13.12 -7.14
C VAL A 222 8.31 13.24 -7.16
N VAL A 223 7.64 12.70 -6.15
CA VAL A 223 6.19 12.75 -6.10
C VAL A 223 5.63 14.17 -6.11
N PRO A 224 6.05 15.02 -5.16
CA PRO A 224 5.54 16.39 -5.15
C PRO A 224 5.76 17.10 -6.49
N GLU A 225 6.92 16.87 -7.09
CA GLU A 225 7.22 17.50 -8.36
C GLU A 225 6.25 17.07 -9.44
N PHE A 226 6.01 15.77 -9.54
CA PHE A 226 5.10 15.29 -10.58
C PHE A 226 3.69 15.79 -10.35
N VAL A 227 3.25 15.78 -9.09
CA VAL A 227 1.90 16.22 -8.75
C VAL A 227 1.74 17.69 -9.14
N GLU A 228 2.76 18.50 -8.88
CA GLU A 228 2.68 19.92 -9.21
C GLU A 228 2.59 20.10 -10.72
N LYS A 229 3.44 19.40 -11.45
CA LYS A 229 3.45 19.47 -12.90
C LYS A 229 2.05 19.16 -13.42
N LEU A 230 1.50 18.03 -12.98
CA LEU A 230 0.17 17.58 -13.39
C LEU A 230 -0.92 18.60 -13.08
N LEU A 231 -1.00 19.05 -11.83
CA LEU A 231 -2.01 20.02 -11.45
C LEU A 231 -1.90 21.31 -12.25
N LYS A 232 -0.68 21.83 -12.41
CA LYS A 232 -0.47 23.04 -13.17
C LYS A 232 -0.81 22.78 -14.64
N GLY A 233 -0.36 21.64 -15.14
CA GLY A 233 -0.61 21.28 -16.53
C GLY A 233 -2.05 21.34 -16.98
N LEU A 234 -2.98 21.18 -16.05
CA LEU A 234 -4.40 21.22 -16.37
C LEU A 234 -5.11 22.28 -15.55
N LYS A 235 -4.43 23.41 -15.37
CA LYS A 235 -4.97 24.54 -14.60
C LYS A 235 -6.27 25.04 -15.23
N LYS B 1 -10.81 -11.64 -9.53
CA LYS B 1 -9.73 -11.60 -10.51
C LYS B 1 -8.43 -11.15 -9.86
N GLY B 2 -7.32 -11.41 -10.55
CA GLY B 2 -6.03 -11.00 -10.04
C GLY B 2 -5.25 -12.07 -9.32
N GLY B 3 -5.95 -12.96 -8.62
CA GLY B 3 -5.25 -14.02 -7.91
C GLY B 3 -4.77 -13.58 -6.54
N ALA B 4 -4.09 -14.47 -5.82
CA ALA B 4 -3.62 -14.17 -4.49
C ALA B 4 -2.34 -13.35 -4.41
OH ALY B 5 2.97 -7.21 1.69
CH ALY B 5 1.96 -7.62 2.40
CH3 ALY B 5 1.81 -7.23 3.86
NZ ALY B 5 0.97 -8.48 1.88
CE ALY B 5 1.18 -8.85 0.46
CD ALY B 5 0.12 -9.87 0.05
CG ALY B 5 0.23 -10.34 -1.41
CB ALY B 5 -0.99 -11.16 -1.71
CA ALY B 5 -0.99 -11.86 -3.07
N ALY B 5 -2.19 -12.64 -3.29
C ALY B 5 0.20 -12.80 -3.19
O ALY B 5 0.25 -13.83 -2.52
N ARG B 6 1.16 -12.47 -4.05
CA ARG B 6 2.29 -13.36 -4.26
C ARG B 6 3.51 -12.63 -4.75
N HIS B 7 4.68 -13.25 -4.61
CA HIS B 7 5.93 -12.62 -5.03
C HIS B 7 6.66 -13.38 -6.12
N ARG B 8 7.04 -12.65 -7.16
CA ARG B 8 7.75 -13.24 -8.28
C ARG B 8 9.14 -13.73 -7.88
ZN ZN C . -15.29 -14.07 16.13
#